data_5WA8
#
_entry.id   5WA8
#
_cell.length_a   78.411
_cell.length_b   45.988
_cell.length_c   64.209
_cell.angle_alpha   90.000
_cell.angle_beta   94.770
_cell.angle_gamma   90.000
#
_symmetry.space_group_name_H-M   'C 1 2 1'
#
loop_
_entity.id
_entity.type
_entity.pdbx_description
1 polymer 'Histidine triad nucleotide-binding protein 1'
2 non-polymer '[(2~{R},3~{S},4~{R},5~{R})-5-(6-aminopurin-9-yl)-3,4-bis(oxidanyl)oxolan-2-yl]methoxy-~{N}-[(2~{S})-1-methoxy-1-oxidanylidene-propan-2-yl]phosphonamidic acid'
3 non-polymer 'CHLORIDE ION'
4 water water
#
_entity_poly.entity_id   1
_entity_poly.type   'polypeptide(L)'
_entity_poly.pdbx_seq_one_letter_code
;SNAMADEIAKAQVARPGGDTIFGKIIRKEIPAKIIFEDDRCLAFHDISPQAPTHFLVIPKKHISQISVAEDDDESLLGHL
MIVGKKCAADLGLNKGYRMVVNEGSDGGQSVYHVNLHVLGGRQMHWPPG
;
_entity_poly.pdbx_strand_id   A,B
#
loop_
_chem_comp.id
_chem_comp.type
_chem_comp.name
_chem_comp.formula
9ZA non-polymer '[(2~{R},3~{S},4~{R},5~{R})-5-(6-aminopurin-9-yl)-3,4-bis(oxidanyl)oxolan-2-yl]methoxy-~{N}-[(2~{S})-1-methoxy-1-oxidanylidene-propan-2-yl]phosphonamidic acid' 'C14 H21 N6 O8 P'
CL non-polymer 'CHLORIDE ION' 'Cl -1'
#
# COMPACT_ATOMS: atom_id res chain seq x y z
N ARG A 15 -18.88 -10.59 18.85
CA ARG A 15 -17.61 -10.90 18.23
C ARG A 15 -17.07 -9.70 17.45
N PRO A 16 -16.23 -8.89 18.10
CA PRO A 16 -15.66 -7.72 17.43
C PRO A 16 -14.56 -8.12 16.45
N GLY A 17 -14.50 -7.40 15.32
CA GLY A 17 -13.55 -7.69 14.27
C GLY A 17 -14.12 -8.50 13.12
N GLY A 18 -15.37 -8.94 13.20
CA GLY A 18 -16.00 -9.72 12.15
C GLY A 18 -15.71 -11.20 12.25
N ASP A 19 -16.35 -11.97 11.36
CA ASP A 19 -16.17 -13.41 11.32
C ASP A 19 -15.37 -13.88 10.12
N THR A 20 -14.71 -12.97 9.38
CA THR A 20 -13.69 -13.48 8.47
C THR A 20 -12.61 -14.15 9.31
N ILE A 21 -11.77 -14.91 8.61
CA ILE A 21 -10.67 -15.56 9.30
C ILE A 21 -9.79 -14.54 10.02
N PHE A 22 -9.70 -13.32 9.50
CA PHE A 22 -8.88 -12.31 10.18
C PHE A 22 -9.54 -11.82 11.46
N GLY A 23 -10.86 -11.69 11.48
CA GLY A 23 -11.54 -11.41 12.74
C GLY A 23 -11.28 -12.47 13.78
N LYS A 24 -11.24 -13.73 13.35
CA LYS A 24 -10.97 -14.81 14.28
C LYS A 24 -9.52 -14.80 14.75
N ILE A 25 -8.58 -14.44 13.86
CA ILE A 25 -7.18 -14.27 14.27
C ILE A 25 -7.07 -13.17 15.31
N ILE A 26 -7.75 -12.05 15.08
CA ILE A 26 -7.72 -10.93 16.02
C ILE A 26 -8.16 -11.36 17.41
N ARG A 27 -9.22 -12.17 17.48
CA ARG A 27 -9.75 -12.62 18.77
C ARG A 27 -9.07 -13.87 19.30
N LYS A 28 -7.96 -14.30 18.69
CA LYS A 28 -7.17 -15.44 19.18
C LYS A 28 -7.96 -16.76 19.09
N GLU A 29 -8.93 -16.82 18.19
CA GLU A 29 -9.72 -18.03 18.01
C GLU A 29 -9.10 -19.01 17.02
N ILE A 30 -8.27 -18.52 16.12
CA ILE A 30 -7.46 -19.40 15.26
C ILE A 30 -6.02 -18.89 15.33
N PRO A 31 -5.03 -19.76 15.20
CA PRO A 31 -3.66 -19.37 15.50
C PRO A 31 -3.04 -18.52 14.40
N ALA A 32 -2.04 -17.74 14.82
CA ALA A 32 -1.29 -16.92 13.90
C ALA A 32 0.09 -16.70 14.50
N LYS A 33 1.05 -16.42 13.65
CA LYS A 33 2.42 -16.11 14.06
C LYS A 33 2.51 -14.59 14.05
N ILE A 34 2.33 -14.00 15.23
CA ILE A 34 2.14 -12.56 15.36
C ILE A 34 3.49 -11.87 15.51
N ILE A 35 3.67 -10.79 14.76
CA ILE A 35 4.88 -9.98 14.80
C ILE A 35 4.71 -8.77 15.70
N PHE A 36 3.55 -8.14 15.65
CA PHE A 36 3.30 -6.92 16.38
C PHE A 36 1.78 -6.79 16.59
N GLU A 37 1.41 -6.24 17.74
CA GLU A 37 0.01 -6.02 18.01
C GLU A 37 -0.15 -4.74 18.81
N ASP A 38 -1.08 -3.89 18.40
CA ASP A 38 -1.48 -2.75 19.23
C ASP A 38 -3.00 -2.63 19.22
N ASP A 39 -3.50 -1.52 19.75
CA ASP A 39 -4.94 -1.33 19.83
C ASP A 39 -5.59 -1.13 18.47
N ARG A 40 -4.82 -0.75 17.45
CA ARG A 40 -5.38 -0.47 16.14
C ARG A 40 -5.13 -1.53 15.10
N CYS A 41 -4.12 -2.39 15.27
CA CYS A 41 -3.75 -3.27 14.17
C CYS A 41 -2.99 -4.48 14.69
N LEU A 42 -2.77 -5.41 13.78
CA LEU A 42 -2.11 -6.68 14.06
C LEU A 42 -1.28 -7.03 12.85
N ALA A 43 -0.04 -7.44 13.06
CA ALA A 43 0.85 -7.90 11.99
C ALA A 43 1.19 -9.36 12.24
N PHE A 44 1.08 -10.19 11.22
CA PHE A 44 1.28 -11.63 11.38
C PHE A 44 1.71 -12.22 10.05
N HIS A 45 2.40 -13.36 10.10
CA HIS A 45 2.97 -13.94 8.89
C HIS A 45 1.90 -14.59 8.03
N ASP A 46 2.05 -14.46 6.72
CA ASP A 46 1.13 -15.09 5.78
C ASP A 46 1.34 -16.61 5.74
N ILE A 47 0.23 -17.35 5.69
CA ILE A 47 0.28 -18.81 5.65
C ILE A 47 0.75 -19.34 4.30
N SER A 48 0.69 -18.53 3.25
CA SER A 48 1.12 -18.91 1.91
CA SER A 48 1.12 -18.91 1.91
C SER A 48 2.12 -17.87 1.41
N PRO A 49 3.32 -17.86 1.97
CA PRO A 49 4.27 -16.79 1.65
C PRO A 49 4.71 -16.81 0.20
N GLN A 50 4.81 -15.62 -0.39
CA GLN A 50 5.24 -15.43 -1.77
C GLN A 50 6.64 -14.85 -1.85
N ALA A 51 7.30 -14.71 -0.71
CA ALA A 51 8.65 -14.20 -0.61
C ALA A 51 9.25 -14.76 0.66
N PRO A 52 10.57 -14.72 0.81
CA PRO A 52 11.18 -15.27 2.03
C PRO A 52 10.60 -14.69 3.32
N THR A 53 10.27 -13.41 3.33
CA THR A 53 9.46 -12.80 4.38
C THR A 53 8.18 -12.28 3.75
N HIS A 54 7.05 -12.65 4.31
CA HIS A 54 5.76 -12.21 3.77
C HIS A 54 4.79 -12.16 4.92
N PHE A 55 4.40 -10.96 5.34
CA PHE A 55 3.48 -10.81 6.45
C PHE A 55 2.38 -9.84 6.06
N LEU A 56 1.34 -9.80 6.90
CA LEU A 56 0.17 -8.98 6.70
C LEU A 56 0.03 -8.02 7.88
N VAL A 57 -0.45 -6.82 7.60
CA VAL A 57 -0.84 -5.87 8.64
C VAL A 57 -2.32 -5.58 8.42
N ILE A 58 -3.13 -5.79 9.45
CA ILE A 58 -4.58 -5.62 9.32
C ILE A 58 -5.08 -4.71 10.42
N PRO A 59 -6.10 -3.91 10.15
CA PRO A 59 -6.75 -3.17 11.23
C PRO A 59 -7.54 -4.11 12.11
N LYS A 60 -7.65 -3.74 13.40
CA LYS A 60 -8.56 -4.47 14.27
C LYS A 60 -10.01 -4.10 14.00
N LYS A 61 -10.26 -2.85 13.60
CA LYS A 61 -11.57 -2.48 13.09
C LYS A 61 -11.82 -3.19 11.78
N HIS A 62 -12.96 -3.85 11.65
CA HIS A 62 -13.29 -4.51 10.40
C HIS A 62 -13.66 -3.50 9.32
N ILE A 63 -12.90 -3.50 8.24
CA ILE A 63 -13.21 -2.80 7.01
C ILE A 63 -13.08 -3.85 5.92
N SER A 64 -14.11 -4.02 5.09
CA SER A 64 -14.13 -5.19 4.21
C SER A 64 -13.09 -5.08 3.09
N GLN A 65 -12.85 -3.88 2.59
CA GLN A 65 -11.96 -3.69 1.44
C GLN A 65 -11.67 -2.20 1.35
N ILE A 66 -10.54 -1.88 0.70
CA ILE A 66 -10.11 -0.49 0.68
C ILE A 66 -11.14 0.41 0.00
N SER A 67 -11.90 -0.13 -0.97
CA SER A 67 -12.84 0.70 -1.71
C SER A 67 -13.98 1.22 -0.84
N VAL A 68 -14.20 0.66 0.35
CA VAL A 68 -15.26 1.12 1.24
C VAL A 68 -14.71 1.84 2.47
N ALA A 69 -13.40 2.07 2.54
CA ALA A 69 -12.85 2.80 3.67
C ALA A 69 -13.41 4.22 3.71
N GLU A 70 -13.64 4.72 4.92
CA GLU A 70 -14.19 6.05 5.12
C GLU A 70 -13.07 7.08 5.23
N ASP A 71 -13.44 8.34 5.01
CA ASP A 71 -12.45 9.41 5.12
C ASP A 71 -11.79 9.41 6.50
N ASP A 72 -12.55 9.08 7.54
CA ASP A 72 -11.98 9.08 8.89
C ASP A 72 -11.08 7.89 9.15
N ASP A 73 -10.97 6.95 8.21
CA ASP A 73 -10.04 5.83 8.32
C ASP A 73 -8.63 6.20 7.88
N GLU A 74 -8.37 7.46 7.51
CA GLU A 74 -7.07 7.83 6.96
C GLU A 74 -5.94 7.51 7.93
N SER A 75 -6.07 7.93 9.19
CA SER A 75 -4.98 7.71 10.14
CA SER A 75 -4.98 7.71 10.13
C SER A 75 -4.74 6.22 10.35
N LEU A 76 -5.82 5.43 10.38
CA LEU A 76 -5.70 3.99 10.57
C LEU A 76 -4.96 3.34 9.41
N LEU A 77 -5.31 3.72 8.17
CA LEU A 77 -4.62 3.16 7.00
C LEU A 77 -3.16 3.56 7.00
N GLY A 78 -2.85 4.82 7.30
CA GLY A 78 -1.46 5.21 7.42
C GLY A 78 -0.73 4.44 8.50
N HIS A 79 -1.42 4.15 9.61
CA HIS A 79 -0.81 3.38 10.68
C HIS A 79 -0.44 1.97 10.21
N LEU A 80 -1.26 1.37 9.35
CA LEU A 80 -0.89 0.07 8.82
C LEU A 80 0.45 0.14 8.09
N MET A 81 0.68 1.20 7.32
CA MET A 81 1.92 1.35 6.58
C MET A 81 3.09 1.62 7.50
N ILE A 82 2.89 2.45 8.53
CA ILE A 82 3.96 2.72 9.47
C ILE A 82 4.33 1.45 10.23
N VAL A 83 3.32 0.71 10.70
CA VAL A 83 3.59 -0.57 11.35
C VAL A 83 4.29 -1.52 10.39
N GLY A 84 3.84 -1.55 9.13
CA GLY A 84 4.48 -2.41 8.14
C GLY A 84 5.96 -2.10 7.98
N LYS A 85 6.30 -0.83 7.85
CA LYS A 85 7.71 -0.50 7.68
C LYS A 85 8.51 -0.73 8.94
N LYS A 86 7.91 -0.52 10.12
CA LYS A 86 8.63 -0.80 11.36
C LYS A 86 8.87 -2.30 11.53
N CYS A 87 7.85 -3.11 11.25
CA CYS A 87 8.04 -4.56 11.32
C CYS A 87 9.08 -5.05 10.32
N ALA A 88 9.07 -4.47 9.11
CA ALA A 88 10.06 -4.87 8.11
C ALA A 88 11.47 -4.59 8.61
N ALA A 89 11.68 -3.44 9.25
CA ALA A 89 12.99 -3.15 9.82
C ALA A 89 13.33 -4.13 10.93
N ASP A 90 12.37 -4.41 11.82
CA ASP A 90 12.60 -5.34 12.92
C ASP A 90 12.91 -6.75 12.42
N LEU A 91 12.41 -7.11 11.24
CA LEU A 91 12.67 -8.40 10.62
C LEU A 91 13.90 -8.36 9.72
N GLY A 92 14.64 -7.27 9.72
CA GLY A 92 15.90 -7.21 9.01
C GLY A 92 15.81 -7.11 7.51
N LEU A 93 14.71 -6.58 6.98
CA LEU A 93 14.55 -6.40 5.54
C LEU A 93 15.26 -5.13 5.06
N ASN A 94 16.58 -5.13 5.24
CA ASN A 94 17.38 -3.92 5.01
C ASN A 94 17.60 -3.62 3.53
N LYS A 95 17.32 -4.56 2.64
CA LYS A 95 17.48 -4.31 1.22
C LYS A 95 16.19 -3.85 0.56
N GLY A 96 15.09 -3.83 1.29
CA GLY A 96 13.83 -3.31 0.80
C GLY A 96 12.74 -4.36 0.83
N TYR A 97 11.58 -3.95 0.32
CA TYR A 97 10.36 -4.75 0.40
C TYR A 97 9.28 -4.06 -0.43
N ARG A 98 8.18 -4.76 -0.61
CA ARG A 98 7.04 -4.25 -1.36
C ARG A 98 5.80 -4.38 -0.49
N MET A 99 4.99 -3.33 -0.47
CA MET A 99 3.71 -3.33 0.21
C MET A 99 2.59 -3.40 -0.82
N VAL A 100 1.56 -4.19 -0.54
CA VAL A 100 0.49 -4.44 -1.51
C VAL A 100 -0.84 -4.47 -0.78
N VAL A 101 -1.85 -3.80 -1.35
CA VAL A 101 -3.24 -3.99 -0.96
C VAL A 101 -4.03 -4.40 -2.19
N ASN A 102 -4.79 -5.48 -2.08
CA ASN A 102 -5.61 -5.98 -3.17
C ASN A 102 -7.06 -5.61 -2.95
N GLU A 103 -7.72 -5.11 -4.00
CA GLU A 103 -9.12 -4.74 -3.92
C GLU A 103 -9.91 -5.58 -4.91
N GLY A 104 -10.87 -6.34 -4.38
CA GLY A 104 -11.87 -6.97 -5.22
C GLY A 104 -11.33 -8.02 -6.17
N SER A 105 -12.12 -8.31 -7.20
CA SER A 105 -11.84 -9.44 -8.07
C SER A 105 -10.56 -9.22 -8.88
N ASP A 106 -10.41 -8.04 -9.50
CA ASP A 106 -9.20 -7.78 -10.27
C ASP A 106 -7.95 -7.67 -9.42
N GLY A 107 -8.08 -7.32 -8.13
CA GLY A 107 -6.95 -7.43 -7.23
C GLY A 107 -6.66 -8.84 -6.76
N GLY A 108 -7.62 -9.75 -6.93
CA GLY A 108 -7.46 -11.09 -6.41
C GLY A 108 -7.72 -11.20 -4.93
N GLN A 109 -8.45 -10.24 -4.35
CA GLN A 109 -8.70 -10.26 -2.92
C GLN A 109 -9.44 -11.53 -2.53
N SER A 110 -8.97 -12.20 -1.46
CA SER A 110 -9.56 -13.45 -1.02
C SER A 110 -10.11 -13.41 0.38
N VAL A 111 -9.69 -12.47 1.22
CA VAL A 111 -10.25 -12.26 2.54
C VAL A 111 -10.75 -10.84 2.57
N TYR A 112 -12.06 -10.67 2.79
CA TYR A 112 -12.66 -9.34 2.77
C TYR A 112 -12.60 -8.68 4.14
N HIS A 113 -11.35 -8.49 4.54
CA HIS A 113 -10.94 -7.66 5.68
C HIS A 113 -9.66 -7.01 5.20
N VAL A 114 -9.62 -5.67 5.18
CA VAL A 114 -8.49 -4.94 4.58
CA VAL A 114 -8.50 -5.01 4.52
C VAL A 114 -7.18 -5.51 5.10
N ASN A 115 -6.25 -5.80 4.20
CA ASN A 115 -4.98 -6.38 4.61
C ASN A 115 -3.84 -5.86 3.74
N LEU A 116 -2.80 -5.34 4.39
CA LEU A 116 -1.60 -4.84 3.74
C LEU A 116 -0.53 -5.92 3.78
N HIS A 117 -0.09 -6.37 2.62
CA HIS A 117 0.99 -7.34 2.51
C HIS A 117 2.32 -6.61 2.53
N VAL A 118 3.31 -7.19 3.20
CA VAL A 118 4.70 -6.73 3.13
C VAL A 118 5.53 -7.94 2.72
N LEU A 119 6.21 -7.83 1.58
CA LEU A 119 6.99 -8.92 1.01
C LEU A 119 8.43 -8.48 0.84
N GLY A 120 9.37 -9.30 1.29
CA GLY A 120 10.76 -8.98 1.09
C GLY A 120 11.65 -10.20 1.23
N GLY A 121 12.95 -9.95 1.23
CA GLY A 121 13.93 -11.01 1.31
C GLY A 121 14.33 -11.57 -0.04
N ARG A 122 13.77 -11.06 -1.13
CA ARG A 122 14.20 -11.40 -2.47
C ARG A 122 13.94 -10.18 -3.34
N GLN A 123 14.51 -10.20 -4.54
CA GLN A 123 14.23 -9.15 -5.51
C GLN A 123 12.78 -9.28 -5.97
N MET A 124 11.99 -8.22 -5.81
CA MET A 124 10.65 -8.17 -6.38
C MET A 124 10.73 -7.63 -7.80
N HIS A 125 9.83 -8.13 -8.65
CA HIS A 125 9.89 -7.84 -10.08
C HIS A 125 8.79 -6.88 -10.49
N TRP A 126 8.92 -6.35 -11.69
CA TRP A 126 7.94 -5.43 -12.25
C TRP A 126 7.43 -6.08 -13.53
N PRO A 127 6.11 -6.01 -13.81
CA PRO A 127 5.04 -5.38 -13.05
C PRO A 127 4.73 -6.14 -11.75
N PRO A 128 4.04 -5.52 -10.85
CA PRO A 128 3.74 -6.15 -9.56
C PRO A 128 2.50 -7.03 -9.68
N GLY A 129 2.64 -8.09 -10.48
CA GLY A 129 1.49 -8.90 -10.86
C GLY A 129 0.75 -8.31 -12.03
N GLY B 18 17.68 15.23 -2.06
CA GLY B 18 17.84 15.29 -3.49
C GLY B 18 16.54 15.32 -4.25
N ASP B 19 16.39 16.31 -5.15
CA ASP B 19 15.19 16.44 -5.94
CA ASP B 19 15.19 16.44 -5.94
C ASP B 19 15.03 15.25 -6.87
N THR B 20 13.79 14.95 -7.25
CA THR B 20 13.50 13.89 -8.20
C THR B 20 12.55 14.40 -9.26
N ILE B 21 12.33 13.57 -10.26
CA ILE B 21 11.39 13.89 -11.32
C ILE B 21 9.99 14.13 -10.76
N PHE B 22 9.64 13.47 -9.65
CA PHE B 22 8.32 13.73 -9.06
C PHE B 22 8.24 15.13 -8.46
N GLY B 23 9.35 15.65 -7.94
CA GLY B 23 9.38 17.05 -7.55
C GLY B 23 9.12 17.97 -8.72
N LYS B 24 9.71 17.67 -9.87
CA LYS B 24 9.46 18.49 -11.06
C LYS B 24 8.00 18.43 -11.46
N ILE B 25 7.37 17.26 -11.32
CA ILE B 25 5.96 17.15 -11.68
C ILE B 25 5.10 17.97 -10.72
N ILE B 26 5.38 17.90 -9.43
CA ILE B 26 4.64 18.70 -8.44
C ILE B 26 4.78 20.17 -8.75
N ARG B 27 5.98 20.61 -9.10
CA ARG B 27 6.26 22.01 -9.39
C ARG B 27 5.77 22.45 -10.76
N LYS B 28 5.21 21.54 -11.55
CA LYS B 28 4.65 21.78 -12.88
C LYS B 28 5.74 22.14 -13.88
N GLU B 29 6.98 21.76 -13.60
CA GLU B 29 8.09 22.06 -14.50
C GLU B 29 8.11 21.13 -15.70
N ILE B 30 7.56 19.93 -15.56
CA ILE B 30 7.39 19.04 -16.71
C ILE B 30 5.95 18.55 -16.71
N PRO B 31 5.40 18.17 -17.85
CA PRO B 31 4.00 17.77 -17.89
C PRO B 31 3.77 16.38 -17.35
N ALA B 32 2.55 16.17 -16.86
CA ALA B 32 2.04 14.88 -16.48
C ALA B 32 0.53 14.92 -16.67
N LYS B 33 -0.09 13.76 -16.81
CA LYS B 33 -1.54 13.67 -16.95
C LYS B 33 -2.11 13.58 -15.54
N ILE B 34 -2.45 14.75 -14.99
CA ILE B 34 -2.89 14.86 -13.60
C ILE B 34 -4.34 14.43 -13.49
N ILE B 35 -4.62 13.60 -12.49
CA ILE B 35 -5.95 13.10 -12.20
C ILE B 35 -6.61 13.90 -11.08
N PHE B 36 -5.83 14.23 -10.07
CA PHE B 36 -6.36 14.91 -8.89
C PHE B 36 -5.20 15.63 -8.21
N GLU B 37 -5.52 16.75 -7.57
CA GLU B 37 -4.53 17.44 -6.78
C GLU B 37 -5.24 18.04 -5.57
N ASP B 38 -4.53 18.13 -4.46
CA ASP B 38 -4.99 18.96 -3.34
C ASP B 38 -3.77 19.69 -2.78
N ASP B 39 -3.88 20.19 -1.57
CA ASP B 39 -2.78 20.94 -0.97
C ASP B 39 -1.63 20.05 -0.53
N ARG B 40 -1.82 18.73 -0.46
CA ARG B 40 -0.82 17.86 0.13
C ARG B 40 -0.47 16.64 -0.71
N CYS B 41 -1.12 16.42 -1.84
CA CYS B 41 -0.78 15.28 -2.67
C CYS B 41 -1.19 15.55 -4.11
N LEU B 42 -0.74 14.65 -4.99
CA LEU B 42 -0.98 14.76 -6.41
C LEU B 42 -1.13 13.35 -6.96
N ALA B 43 -2.12 13.14 -7.82
CA ALA B 43 -2.33 11.85 -8.49
C ALA B 43 -2.21 12.06 -9.98
N PHE B 44 -1.48 11.17 -10.66
CA PHE B 44 -1.22 11.34 -12.08
C PHE B 44 -0.95 9.99 -12.72
N HIS B 45 -1.25 9.87 -14.00
CA HIS B 45 -1.05 8.61 -14.69
C HIS B 45 0.44 8.30 -14.81
N ASP B 46 0.79 7.03 -14.62
CA ASP B 46 2.19 6.64 -14.74
C ASP B 46 2.63 6.72 -16.19
N ILE B 47 3.85 7.21 -16.42
CA ILE B 47 4.35 7.34 -17.78
C ILE B 47 4.70 5.98 -18.40
N SER B 48 4.91 4.95 -17.58
CA SER B 48 5.22 3.59 -18.05
CA SER B 48 5.23 3.60 -18.04
C SER B 48 4.16 2.65 -17.50
N PRO B 49 2.93 2.71 -18.03
CA PRO B 49 1.82 1.98 -17.40
C PRO B 49 1.96 0.47 -17.53
N GLN B 50 1.65 -0.23 -16.44
CA GLN B 50 1.73 -1.67 -16.38
C GLN B 50 0.37 -2.34 -16.40
N ALA B 51 -0.69 -1.57 -16.54
CA ALA B 51 -2.06 -2.06 -16.62
C ALA B 51 -2.86 -1.03 -17.38
N PRO B 52 -4.06 -1.38 -17.86
CA PRO B 52 -4.85 -0.41 -18.62
C PRO B 52 -5.09 0.89 -17.87
N THR B 53 -5.21 0.83 -16.55
CA THR B 53 -5.15 1.99 -15.68
C THR B 53 -4.00 1.79 -14.71
N HIS B 54 -3.10 2.76 -14.67
CA HIS B 54 -1.96 2.70 -13.75
C HIS B 54 -1.61 4.14 -13.42
N PHE B 55 -1.87 4.56 -12.20
CA PHE B 55 -1.57 5.92 -11.78
C PHE B 55 -0.82 5.89 -10.45
N LEU B 56 -0.25 7.03 -10.10
CA LEU B 56 0.50 7.20 -8.88
C LEU B 56 -0.17 8.27 -8.04
N VAL B 57 -0.11 8.11 -6.73
CA VAL B 57 -0.48 9.15 -5.76
C VAL B 57 0.75 9.45 -4.93
N ILE B 58 1.18 10.70 -4.92
CA ILE B 58 2.39 11.08 -4.21
C ILE B 58 2.11 12.22 -3.24
N PRO B 59 2.81 12.28 -2.10
CA PRO B 59 2.70 13.44 -1.23
C PRO B 59 3.50 14.58 -1.81
N LYS B 60 3.08 15.81 -1.50
CA LYS B 60 3.89 16.95 -1.88
C LYS B 60 5.11 17.10 -0.99
N LYS B 61 5.00 16.63 0.26
CA LYS B 61 6.17 16.57 1.14
C LYS B 61 7.14 15.54 0.59
N HIS B 62 8.42 15.89 0.51
CA HIS B 62 9.38 14.94 -0.03
C HIS B 62 9.82 13.97 1.06
N ILE B 63 9.11 12.85 1.15
CA ILE B 63 9.53 11.68 1.90
C ILE B 63 10.19 10.76 0.88
N SER B 64 11.46 10.43 1.10
CA SER B 64 12.20 9.71 0.06
C SER B 64 11.75 8.27 -0.11
N GLN B 65 11.30 7.63 0.97
CA GLN B 65 10.91 6.23 0.92
C GLN B 65 10.14 5.92 2.18
N ILE B 66 9.28 4.90 2.10
CA ILE B 66 8.42 4.60 3.24
C ILE B 66 9.22 4.24 4.48
N SER B 67 10.43 3.68 4.32
CA SER B 67 11.21 3.27 5.48
C SER B 67 11.61 4.44 6.36
N VAL B 68 11.60 5.67 5.85
CA VAL B 68 11.97 6.84 6.62
C VAL B 68 10.77 7.70 7.01
N ALA B 69 9.56 7.25 6.69
CA ALA B 69 8.38 7.99 7.11
C ALA B 69 8.28 8.04 8.63
N GLU B 70 7.82 9.17 9.15
CA GLU B 70 7.69 9.39 10.58
C GLU B 70 6.27 9.06 11.04
N ASP B 71 6.12 8.90 12.36
CA ASP B 71 4.80 8.63 12.92
C ASP B 71 3.83 9.78 12.61
N ASP B 72 4.33 11.02 12.60
CA ASP B 72 3.50 12.17 12.28
C ASP B 72 2.98 12.15 10.85
N ASP B 73 3.55 11.30 10.00
CA ASP B 73 3.12 11.15 8.60
C ASP B 73 1.97 10.19 8.42
N GLU B 74 1.45 9.58 9.50
CA GLU B 74 0.44 8.52 9.34
CA GLU B 74 0.46 8.52 9.33
C GLU B 74 -0.78 9.01 8.58
N SER B 75 -1.28 10.20 8.94
CA SER B 75 -2.50 10.68 8.29
CA SER B 75 -2.49 10.67 8.29
C SER B 75 -2.23 10.98 6.82
N LEU B 76 -1.06 11.52 6.52
CA LEU B 76 -0.71 11.82 5.13
C LEU B 76 -0.63 10.53 4.30
N LEU B 77 0.03 9.50 4.83
CA LEU B 77 0.11 8.24 4.10
C LEU B 77 -1.27 7.63 3.89
N GLY B 78 -2.13 7.68 4.91
CA GLY B 78 -3.48 7.20 4.73
C GLY B 78 -4.25 8.02 3.73
N HIS B 79 -3.99 9.34 3.70
CA HIS B 79 -4.62 10.21 2.71
C HIS B 79 -4.27 9.77 1.28
N LEU B 80 -3.03 9.33 1.05
CA LEU B 80 -2.68 8.84 -0.27
C LEU B 80 -3.57 7.66 -0.67
N MET B 81 -3.84 6.77 0.28
CA MET B 81 -4.66 5.60 -0.02
C MET B 81 -6.12 5.98 -0.25
N ILE B 82 -6.65 6.92 0.54
CA ILE B 82 -8.01 7.37 0.31
C ILE B 82 -8.15 8.08 -1.03
N VAL B 83 -7.20 8.96 -1.34
CA VAL B 83 -7.20 9.59 -2.67
C VAL B 83 -7.09 8.53 -3.75
N GLY B 84 -6.23 7.54 -3.55
CA GLY B 84 -6.08 6.48 -4.53
C GLY B 84 -7.38 5.73 -4.77
N LYS B 85 -8.08 5.35 -3.69
CA LYS B 85 -9.31 4.60 -3.92
C LYS B 85 -10.40 5.47 -4.52
N LYS B 86 -10.46 6.77 -4.17
CA LYS B 86 -11.43 7.65 -4.80
C LYS B 86 -11.13 7.86 -6.28
N CYS B 87 -9.84 8.02 -6.62
CA CYS B 87 -9.46 8.15 -8.03
C CYS B 87 -9.77 6.88 -8.80
N ALA B 88 -9.54 5.71 -8.17
CA ALA B 88 -9.85 4.45 -8.83
C ALA B 88 -11.32 4.35 -9.18
N ALA B 89 -12.20 4.74 -8.25
CA ALA B 89 -13.63 4.74 -8.53
C ALA B 89 -13.97 5.72 -9.64
N ASP B 90 -13.37 6.92 -9.60
CA ASP B 90 -13.63 7.92 -10.62
C ASP B 90 -13.17 7.45 -12.00
N LEU B 91 -12.12 6.64 -12.05
CA LEU B 91 -11.61 6.10 -13.31
C LEU B 91 -12.30 4.80 -13.71
N GLY B 92 -13.34 4.39 -13.00
CA GLY B 92 -14.15 3.28 -13.41
C GLY B 92 -13.62 1.90 -13.06
N LEU B 93 -12.76 1.79 -12.05
CA LEU B 93 -12.18 0.49 -11.69
C LEU B 93 -13.11 -0.28 -10.75
N ASN B 94 -14.31 -0.56 -11.25
CA ASN B 94 -15.34 -1.22 -10.46
C ASN B 94 -15.12 -2.70 -10.25
N LYS B 95 -14.20 -3.32 -10.99
CA LYS B 95 -13.90 -4.73 -10.79
C LYS B 95 -12.74 -4.95 -9.84
N GLY B 96 -12.10 -3.89 -9.36
CA GLY B 96 -11.01 -4.01 -8.43
C GLY B 96 -9.72 -3.43 -8.97
N TYR B 97 -8.68 -3.53 -8.15
CA TYR B 97 -7.39 -2.91 -8.45
C TYR B 97 -6.40 -3.38 -7.41
N ARG B 98 -5.14 -2.98 -7.59
CA ARG B 98 -4.07 -3.27 -6.66
C ARG B 98 -3.34 -1.98 -6.33
N MET B 99 -3.02 -1.79 -5.06
CA MET B 99 -2.19 -0.69 -4.60
C MET B 99 -0.82 -1.22 -4.21
N VAL B 100 0.24 -0.49 -4.56
CA VAL B 100 1.61 -0.94 -4.32
C VAL B 100 2.46 0.23 -3.84
N VAL B 101 3.26 0.00 -2.81
CA VAL B 101 4.36 0.89 -2.44
C VAL B 101 5.65 0.08 -2.46
N ASN B 102 6.64 0.56 -3.21
CA ASN B 102 7.93 -0.11 -3.30
C ASN B 102 8.94 0.57 -2.38
N GLU B 103 9.76 -0.23 -1.70
CA GLU B 103 10.81 0.29 -0.84
C GLU B 103 12.15 -0.29 -1.27
N GLY B 104 13.07 0.57 -1.66
CA GLY B 104 14.45 0.17 -1.85
C GLY B 104 14.69 -0.73 -3.04
N SER B 105 15.88 -1.34 -3.03
CA SER B 105 16.34 -2.12 -4.18
CA SER B 105 16.32 -2.11 -4.19
C SER B 105 15.51 -3.39 -4.35
N ASP B 106 15.33 -4.15 -3.26
CA ASP B 106 14.53 -5.37 -3.38
C ASP B 106 13.07 -5.06 -3.69
N GLY B 107 12.57 -3.93 -3.22
CA GLY B 107 11.21 -3.56 -3.55
C GLY B 107 11.02 -3.02 -4.96
N GLY B 108 12.12 -2.78 -5.67
CA GLY B 108 12.02 -2.26 -7.02
C GLY B 108 11.63 -0.80 -7.09
N GLN B 109 11.92 -0.04 -6.04
CA GLN B 109 11.55 1.37 -6.01
C GLN B 109 12.32 2.11 -7.10
N SER B 110 11.58 2.80 -7.98
N SER B 110 11.58 2.81 -7.98
CA SER B 110 12.20 3.45 -9.13
CA SER B 110 12.17 3.45 -9.15
C SER B 110 12.52 4.92 -8.88
C SER B 110 12.43 4.93 -8.96
N VAL B 111 11.77 5.59 -8.01
CA VAL B 111 11.96 7.01 -7.71
C VAL B 111 11.97 7.15 -6.20
N TYR B 112 12.98 7.84 -5.67
CA TYR B 112 13.10 8.04 -4.22
C TYR B 112 12.27 9.24 -3.77
N HIS B 113 10.97 9.10 -3.99
CA HIS B 113 9.92 9.98 -3.49
C HIS B 113 8.75 9.03 -3.31
N VAL B 114 8.26 8.89 -2.08
N VAL B 114 8.22 8.94 -2.08
CA VAL B 114 7.26 7.85 -1.81
CA VAL B 114 7.16 7.98 -1.78
C VAL B 114 6.06 8.04 -2.73
C VAL B 114 6.06 8.09 -2.81
N ASN B 115 5.62 6.96 -3.34
CA ASN B 115 4.58 6.98 -4.34
C ASN B 115 3.76 5.71 -4.25
N LEU B 116 2.46 5.88 -4.25
CA LEU B 116 1.50 4.78 -4.21
C LEU B 116 1.05 4.49 -5.63
N HIS B 117 1.31 3.27 -6.11
CA HIS B 117 0.81 2.83 -7.41
C HIS B 117 -0.60 2.29 -7.24
N VAL B 118 -1.47 2.60 -8.20
CA VAL B 118 -2.80 2.00 -8.29
C VAL B 118 -2.95 1.44 -9.70
N LEU B 119 -3.17 0.13 -9.80
CA LEU B 119 -3.22 -0.57 -11.08
C LEU B 119 -4.54 -1.33 -11.20
N GLY B 120 -5.17 -1.23 -12.36
CA GLY B 120 -6.39 -1.96 -12.59
C GLY B 120 -6.73 -2.00 -14.06
N GLY B 121 -7.93 -2.50 -14.34
CA GLY B 121 -8.37 -2.65 -15.71
C GLY B 121 -7.97 -3.96 -16.34
N ARG B 122 -7.33 -4.84 -15.58
CA ARG B 122 -7.04 -6.20 -15.98
C ARG B 122 -6.94 -7.02 -14.71
N GLN B 123 -6.95 -8.33 -14.85
CA GLN B 123 -6.68 -9.19 -13.71
C GLN B 123 -5.25 -8.97 -13.26
N MET B 124 -5.07 -8.62 -11.99
CA MET B 124 -3.76 -8.59 -11.38
C MET B 124 -3.44 -9.98 -10.83
N HIS B 125 -2.18 -10.39 -10.98
CA HIS B 125 -1.80 -11.77 -10.70
C HIS B 125 -1.11 -11.89 -9.34
N TRP B 126 -0.85 -13.12 -8.94
CA TRP B 126 -0.19 -13.39 -7.66
C TRP B 126 0.85 -14.44 -7.94
N PRO B 127 2.10 -14.24 -7.48
CA PRO B 127 2.60 -13.17 -6.59
C PRO B 127 2.66 -11.80 -7.27
N PRO B 128 2.72 -10.72 -6.46
CA PRO B 128 2.74 -9.36 -7.01
C PRO B 128 4.15 -8.93 -7.40
N GLY B 129 4.73 -9.65 -8.35
CA GLY B 129 6.14 -9.49 -8.67
C GLY B 129 6.98 -10.40 -7.79
O3P 9ZA C . -5.09 -9.81 -0.70
P 9ZA C . -5.73 -11.06 -0.17
O2P 9ZA C . -7.13 -10.99 0.39
O5' 9ZA C . -4.73 -11.60 0.94
C5' 9ZA C . -5.18 -12.52 1.93
C4' 9ZA C . -3.97 -13.26 2.46
C3' 9ZA C . -3.43 -14.33 1.50
O3' 9ZA C . -2.07 -14.02 1.12
C2' 9ZA C . -3.55 -15.62 2.29
O2' 9ZA C . -2.47 -16.54 2.12
C1' 9ZA C . -3.56 -15.09 3.72
O4' 9ZA C . -4.36 -13.92 3.65
N9 9ZA C . -4.21 -15.98 4.69
C4 9ZA C . -3.72 -16.22 5.90
C5 9ZA C . -4.67 -17.11 6.53
N7 9ZA C . -5.66 -17.34 5.64
C8 9ZA C . -5.37 -16.63 4.53
N3 9ZA C . -2.61 -15.80 6.55
C2 9ZA C . -2.38 -16.23 7.79
N1 9ZA C . -3.21 -17.07 8.45
C6 9ZA C . -4.35 -17.54 7.90
N6 9ZA C . -5.18 -18.39 8.54
N2 9ZA C . -5.81 -12.25 -1.41
C3 9ZA C . -4.78 -12.32 -2.43
C7 9ZA C . -5.00 -13.57 -3.20
C9 9ZA C . -3.37 -12.35 -1.88
O10 9ZA C . -5.68 -14.50 -2.80
O11 9ZA C . -4.38 -13.67 -4.48
C12 9ZA C . -4.48 -14.89 -5.19
CL CL D . 8.47 3.11 -7.08
#